data_3IJM
#
_entry.id   3IJM
#
_cell.length_a   65.770
_cell.length_b   65.849
_cell.length_c   68.917
_cell.angle_alpha   90.000
_cell.angle_beta   90.000
_cell.angle_gamma   90.000
#
_symmetry.space_group_name_H-M   'P 21 21 21'
#
loop_
_entity.id
_entity.type
_entity.pdbx_description
1 polymer 'uncharacterized restriction endonuclease-like fold superfamily protein'
2 non-polymer GLYCEROL
3 non-polymer 'SULFATE ION'
4 non-polymer 'SODIUM ION'
5 water water
#
_entity_poly.entity_id   1
_entity_poly.type   'polypeptide(L)'
_entity_poly.pdbx_seq_one_letter_code
;SNA(MSE)NYSHPISLKTLVQEDDIGVNAPIIHQSVIARLTAGLYPLYQSKKIPFEPLPET(MSE)LTEGYSSPVPDVLL
YDHQTEEAKVIIEVCQNSGLKHDTSKIVKLIEDNAYGILEGFVFNYKTQQWLRYRLGDGGVATNSSFSEVLQVDLNTFV
;
_entity_poly.pdbx_strand_id   A,B
#
# COMPACT_ATOMS: atom_id res chain seq x y z
N TYR A 6 -7.88 -8.30 14.48
CA TYR A 6 -8.48 -6.98 14.78
C TYR A 6 -9.72 -6.76 13.94
N SER A 7 -10.73 -6.13 14.54
CA SER A 7 -11.93 -5.72 13.80
C SER A 7 -11.61 -4.43 13.01
N HIS A 8 -12.26 -4.27 11.87
CA HIS A 8 -12.15 -3.03 11.10
C HIS A 8 -13.12 -2.01 11.67
N PRO A 9 -12.61 -0.80 11.97
CA PRO A 9 -13.45 0.30 12.46
C PRO A 9 -14.64 0.61 11.56
N ILE A 10 -14.47 0.53 10.25
CA ILE A 10 -15.57 0.67 9.29
C ILE A 10 -15.55 -0.53 8.35
N SER A 11 -16.66 -1.27 8.24
CA SER A 11 -16.69 -2.41 7.36
C SER A 11 -16.73 -1.91 5.94
N LEU A 12 -16.28 -2.73 5.00
CA LEU A 12 -16.46 -2.43 3.59
C LEU A 12 -17.92 -2.28 3.23
N LYS A 13 -18.76 -3.14 3.80
CA LYS A 13 -20.19 -3.01 3.59
C LYS A 13 -20.67 -1.60 3.97
N THR A 14 -20.27 -1.11 5.14
CA THR A 14 -20.68 0.22 5.57
C THR A 14 -20.14 1.29 4.61
N LEU A 15 -18.86 1.20 4.26
CA LEU A 15 -18.30 2.17 3.29
C LEU A 15 -19.09 2.25 2.00
N VAL A 16 -19.40 1.09 1.40
CA VAL A 16 -20.17 1.04 0.17
C VAL A 16 -21.59 1.61 0.35
N GLN A 17 -22.25 1.23 1.46
CA GLN A 17 -23.59 1.72 1.81
C GLN A 17 -23.62 3.23 1.88
N GLU A 18 -22.55 3.79 2.44
CA GLU A 18 -22.46 5.24 2.66
C GLU A 18 -22.12 6.02 1.40
N ASP A 19 -21.60 5.33 0.39
CA ASP A 19 -21.23 5.97 -0.87
C ASP A 19 -22.28 5.77 -1.97
N ASP A 20 -23.53 6.02 -1.58
CA ASP A 20 -24.66 6.09 -2.49
C ASP A 20 -24.33 6.92 -3.74
N ILE A 21 -23.68 8.03 -3.50
CA ILE A 21 -23.42 8.98 -4.57
C ILE A 21 -22.29 8.57 -5.50
N GLY A 22 -21.55 7.52 -5.13
CA GLY A 22 -20.62 6.88 -6.06
C GLY A 22 -19.35 7.67 -6.34
N VAL A 23 -18.87 8.40 -5.33
CA VAL A 23 -17.68 9.21 -5.48
C VAL A 23 -16.50 8.80 -4.55
N ASN A 24 -16.67 7.77 -3.69
CA ASN A 24 -15.65 7.40 -2.73
C ASN A 24 -14.83 6.18 -3.13
N ALA A 25 -14.93 5.75 -4.40
CA ALA A 25 -14.18 4.59 -4.88
C ALA A 25 -12.68 4.69 -4.61
N PRO A 26 -12.07 5.88 -4.83
CA PRO A 26 -10.61 5.98 -4.58
C PRO A 26 -10.24 5.59 -3.13
N ILE A 27 -11.00 6.08 -2.15
CA ILE A 27 -10.76 5.73 -0.76
C ILE A 27 -11.07 4.26 -0.43
N ILE A 28 -12.22 3.77 -0.85
CA ILE A 28 -12.59 2.39 -0.58
C ILE A 28 -11.58 1.41 -1.20
N HIS A 29 -11.22 1.65 -2.44
CA HIS A 29 -10.26 0.78 -3.13
C HIS A 29 -8.91 0.70 -2.39
N GLN A 30 -8.42 1.84 -1.92
CA GLN A 30 -7.12 1.90 -1.28
C GLN A 30 -7.26 1.32 0.12
N SER A 31 -8.42 1.46 0.74
CA SER A 31 -8.65 0.82 2.07
C SER A 31 -8.56 -0.70 1.96
N VAL A 32 -9.16 -1.27 0.94
CA VAL A 32 -9.05 -2.73 0.70
C VAL A 32 -7.57 -3.15 0.58
N ILE A 33 -6.81 -2.44 -0.25
CA ILE A 33 -5.33 -2.66 -0.36
C ILE A 33 -4.64 -2.63 1.03
N ALA A 34 -4.95 -1.62 1.82
CA ALA A 34 -4.39 -1.44 3.13
C ALA A 34 -4.75 -2.63 4.01
N ARG A 35 -6.02 -3.05 3.98
CA ARG A 35 -6.46 -4.18 4.84
C ARG A 35 -5.76 -5.49 4.45
N LEU A 36 -5.63 -5.76 3.15
CA LEU A 36 -4.99 -6.98 2.70
C LEU A 36 -3.51 -6.94 3.06
N THR A 37 -2.87 -5.80 2.78
CA THR A 37 -1.42 -5.66 3.02
C THR A 37 -1.15 -5.83 4.52
N ALA A 38 -1.91 -5.09 5.31
CA ALA A 38 -1.80 -5.12 6.78
C ALA A 38 -2.11 -6.46 7.38
N GLY A 39 -3.12 -7.15 6.86
CA GLY A 39 -3.54 -8.45 7.41
C GLY A 39 -2.51 -9.54 7.15
N LEU A 40 -1.96 -9.57 5.93
CA LEU A 40 -0.99 -10.55 5.52
C LEU A 40 0.39 -10.31 6.12
N TYR A 41 0.74 -9.05 6.41
CA TYR A 41 2.13 -8.72 6.70
C TYR A 41 2.67 -9.47 7.90
N PRO A 42 1.90 -9.55 9.00
CA PRO A 42 2.41 -10.28 10.14
C PRO A 42 2.67 -11.78 9.92
N LEU A 43 1.92 -12.42 9.00
CA LEU A 43 2.23 -13.79 8.60
C LEU A 43 3.61 -13.88 7.95
N TYR A 44 3.95 -12.86 7.17
CA TYR A 44 5.26 -12.82 6.54
C TYR A 44 6.35 -12.55 7.59
N GLN A 45 6.11 -11.59 8.48
CA GLN A 45 7.08 -11.29 9.53
C GLN A 45 7.36 -12.50 10.40
N SER A 46 6.32 -13.29 10.66
CA SER A 46 6.45 -14.43 11.57
C SER A 46 6.90 -15.71 10.86
N LYS A 47 7.17 -15.62 9.56
CA LYS A 47 7.61 -16.74 8.73
C LYS A 47 6.54 -17.84 8.55
N LYS A 48 5.27 -17.49 8.78
CA LYS A 48 4.16 -18.39 8.46
C LYS A 48 3.94 -18.47 6.96
N ILE A 49 4.20 -17.37 6.27
CA ILE A 49 4.29 -17.39 4.82
C ILE A 49 5.66 -16.87 4.37
N PRO A 50 6.15 -17.34 3.22
CA PRO A 50 7.51 -16.98 2.82
C PRO A 50 7.62 -15.77 1.92
N PHE A 51 6.48 -15.16 1.58
CA PHE A 51 6.42 -14.14 0.53
C PHE A 51 5.93 -12.83 1.12
N GLU A 52 6.55 -11.72 0.67
CA GLU A 52 6.21 -10.41 1.19
C GLU A 52 4.96 -9.85 0.51
N PRO A 53 3.97 -9.43 1.30
CA PRO A 53 2.83 -8.74 0.71
C PRO A 53 3.21 -7.31 0.31
N LEU A 54 3.04 -6.97 -0.96
CA LEU A 54 3.46 -5.67 -1.50
C LEU A 54 2.28 -5.02 -2.25
N PRO A 55 1.95 -3.80 -1.91
CA PRO A 55 0.86 -3.13 -2.61
C PRO A 55 1.38 -2.50 -3.92
N GLU A 56 0.52 -2.52 -4.96
CA GLU A 56 0.74 -1.75 -6.22
C GLU A 56 2.20 -1.80 -6.66
N THR A 57 2.70 -3.04 -6.81
CA THR A 57 4.11 -3.29 -7.20
C THR A 57 4.20 -3.81 -8.67
N LEU A 59 5.36 -5.96 -11.67
CA LEU A 59 5.82 -7.34 -11.93
C LEU A 59 7.17 -7.44 -12.63
N THR A 60 7.50 -6.43 -13.41
CA THR A 60 8.71 -6.45 -14.23
C THR A 60 9.18 -5.02 -14.49
N GLU A 61 10.01 -4.81 -15.53
CA GLU A 61 10.63 -3.50 -15.82
C GLU A 61 9.78 -2.63 -16.74
N GLY A 62 9.74 -1.32 -16.46
CA GLY A 62 9.17 -0.33 -17.38
C GLY A 62 7.75 0.12 -17.11
N TYR A 63 7.37 1.19 -17.78
CA TYR A 63 6.00 1.66 -17.68
C TYR A 63 5.06 0.64 -18.34
N SER A 64 5.63 -0.36 -19.05
CA SER A 64 4.85 -1.49 -19.60
C SER A 64 4.46 -2.55 -18.57
N SER A 65 5.10 -2.55 -17.40
CA SER A 65 4.85 -3.63 -16.45
C SER A 65 3.43 -3.60 -15.91
N PRO A 66 2.79 -4.77 -15.78
CA PRO A 66 1.56 -4.85 -15.01
C PRO A 66 1.83 -4.53 -13.53
N VAL A 67 0.83 -3.94 -12.89
CA VAL A 67 0.89 -3.59 -11.47
C VAL A 67 -0.37 -4.06 -10.81
N PRO A 68 -0.35 -5.25 -10.18
CA PRO A 68 -1.54 -5.67 -9.46
C PRO A 68 -1.72 -4.90 -8.15
N ASP A 69 -2.96 -4.82 -7.69
CA ASP A 69 -3.24 -4.11 -6.45
C ASP A 69 -2.46 -4.63 -5.24
N VAL A 70 -2.39 -5.95 -5.06
CA VAL A 70 -1.55 -6.54 -4.04
C VAL A 70 -0.85 -7.77 -4.68
N LEU A 71 0.39 -8.01 -4.29
CA LEU A 71 1.06 -9.26 -4.67
C LEU A 71 1.83 -9.83 -3.50
N LEU A 72 2.20 -11.09 -3.65
CA LEU A 72 2.98 -11.83 -2.66
C LEU A 72 4.31 -12.15 -3.35
N TYR A 73 5.39 -11.54 -2.85
CA TYR A 73 6.65 -11.52 -3.55
C TYR A 73 7.64 -12.54 -2.99
N ASP A 74 8.17 -13.36 -3.88
CA ASP A 74 9.28 -14.28 -3.53
C ASP A 74 10.61 -13.56 -3.79
N HIS A 75 11.26 -13.12 -2.72
CA HIS A 75 12.52 -12.39 -2.87
C HIS A 75 13.66 -13.28 -3.40
N GLN A 76 13.56 -14.58 -3.18
CA GLN A 76 14.58 -15.52 -3.66
C GLN A 76 14.52 -15.65 -5.19
N THR A 77 13.35 -15.94 -5.75
CA THR A 77 13.22 -16.04 -7.22
C THR A 77 12.92 -14.70 -7.91
N GLU A 78 12.64 -13.67 -7.13
CA GLU A 78 12.28 -12.33 -7.64
C GLU A 78 11.01 -12.36 -8.52
N GLU A 79 9.97 -12.99 -7.99
CA GLU A 79 8.69 -13.17 -8.68
C GLU A 79 7.52 -13.04 -7.73
N ALA A 80 6.42 -12.51 -8.25
CA ALA A 80 5.14 -12.56 -7.57
C ALA A 80 4.54 -13.96 -7.71
N LYS A 81 4.18 -14.58 -6.60
CA LYS A 81 3.63 -15.92 -6.64
C LYS A 81 2.10 -15.92 -6.58
N VAL A 82 1.55 -14.88 -5.96
CA VAL A 82 0.09 -14.68 -5.82
C VAL A 82 -0.18 -13.20 -6.15
N ILE A 83 -1.21 -12.93 -6.94
CA ILE A 83 -1.66 -11.57 -7.20
C ILE A 83 -3.12 -11.39 -6.82
N ILE A 84 -3.47 -10.17 -6.41
CA ILE A 84 -4.84 -9.82 -6.03
C ILE A 84 -5.21 -8.50 -6.70
N GLU A 85 -6.31 -8.49 -7.44
CA GLU A 85 -6.88 -7.27 -7.99
C GLU A 85 -8.15 -6.94 -7.21
N VAL A 86 -8.33 -5.66 -6.92
CA VAL A 86 -9.51 -5.14 -6.23
C VAL A 86 -10.31 -4.32 -7.24
N CYS A 87 -11.61 -4.60 -7.33
CA CYS A 87 -12.46 -3.92 -8.29
C CYS A 87 -13.84 -3.65 -7.72
N GLN A 88 -14.60 -2.88 -8.47
CA GLN A 88 -16.04 -2.79 -8.27
C GLN A 88 -16.68 -3.46 -9.48
N ASN A 89 -18.00 -3.39 -9.62
CA ASN A 89 -18.66 -4.10 -10.73
C ASN A 89 -18.14 -3.75 -12.13
N SER A 90 -17.85 -2.48 -12.37
CA SER A 90 -17.47 -2.03 -13.72
C SER A 90 -16.12 -2.57 -14.18
N GLY A 91 -15.25 -2.93 -13.24
CA GLY A 91 -13.94 -3.50 -13.54
C GLY A 91 -13.81 -5.02 -13.41
N LEU A 92 -14.88 -5.71 -12.97
CA LEU A 92 -14.84 -7.16 -12.71
C LEU A 92 -14.47 -8.01 -13.94
N LYS A 93 -15.11 -7.78 -15.07
CA LYS A 93 -14.80 -8.53 -16.30
C LYS A 93 -13.33 -8.34 -16.70
N HIS A 94 -12.90 -7.08 -16.71
CA HIS A 94 -11.52 -6.72 -17.01
C HIS A 94 -10.50 -7.41 -16.10
N ASP A 95 -10.74 -7.34 -14.78
CA ASP A 95 -9.77 -7.87 -13.84
C ASP A 95 -9.74 -9.42 -13.84
N THR A 96 -10.88 -10.05 -14.09
CA THR A 96 -10.92 -11.51 -14.25
C THR A 96 -10.10 -11.98 -15.46
N SER A 97 -10.27 -11.29 -16.59
CA SER A 97 -9.51 -11.58 -17.81
CA SER A 97 -9.51 -11.60 -17.79
C SER A 97 -8.02 -11.33 -17.60
N LYS A 98 -7.72 -10.25 -16.89
CA LYS A 98 -6.35 -9.85 -16.61
C LYS A 98 -5.64 -10.89 -15.78
N ILE A 99 -6.22 -11.36 -14.68
CA ILE A 99 -5.46 -12.31 -13.90
C ILE A 99 -5.19 -13.61 -14.68
N VAL A 100 -6.15 -14.06 -15.48
CA VAL A 100 -5.94 -15.27 -16.28
C VAL A 100 -4.81 -15.06 -17.27
N LYS A 101 -4.82 -13.91 -17.95
CA LYS A 101 -3.77 -13.63 -18.96
C LYS A 101 -2.39 -13.48 -18.31
N LEU A 102 -2.30 -12.84 -17.14
CA LEU A 102 -1.02 -12.68 -16.43
C LEU A 102 -0.44 -14.03 -16.02
N ILE A 103 -1.33 -14.97 -15.70
CA ILE A 103 -0.93 -16.29 -15.26
C ILE A 103 -0.64 -17.28 -16.36
N GLU A 104 -1.45 -17.24 -17.42
CA GLU A 104 -1.32 -18.23 -18.49
C GLU A 104 -0.59 -17.76 -19.75
N ASP A 105 -0.62 -16.46 -20.05
CA ASP A 105 -0.01 -15.91 -21.30
C ASP A 105 1.33 -15.18 -21.08
N ASN A 106 1.79 -15.17 -19.84
CA ASN A 106 3.08 -14.59 -19.46
C ASN A 106 3.85 -15.55 -18.55
N ALA A 107 5.13 -15.26 -18.34
CA ALA A 107 6.01 -16.07 -17.47
C ALA A 107 6.53 -15.25 -16.28
N TYR A 108 5.59 -14.75 -15.47
CA TYR A 108 5.96 -13.99 -14.28
C TYR A 108 6.11 -14.82 -13.01
N GLY A 109 5.84 -16.12 -13.09
CA GLY A 109 5.96 -17.02 -11.95
C GLY A 109 4.72 -17.05 -11.07
N ILE A 110 3.64 -16.40 -11.50
CA ILE A 110 2.40 -16.34 -10.74
C ILE A 110 1.66 -17.70 -10.77
N LEU A 111 1.41 -18.22 -9.58
CA LEU A 111 0.69 -19.47 -9.37
C LEU A 111 -0.81 -19.29 -9.17
N GLU A 112 -1.21 -18.16 -8.54
CA GLU A 112 -2.60 -17.90 -8.21
C GLU A 112 -2.90 -16.43 -8.38
N GLY A 113 -4.10 -16.14 -8.84
CA GLY A 113 -4.64 -14.82 -8.91
C GLY A 113 -6.06 -14.74 -8.32
N PHE A 114 -6.38 -13.57 -7.76
CA PHE A 114 -7.66 -13.31 -7.12
C PHE A 114 -8.20 -11.98 -7.63
N VAL A 115 -9.52 -11.92 -7.81
CA VAL A 115 -10.26 -10.68 -7.95
C VAL A 115 -11.24 -10.57 -6.77
N PHE A 116 -11.13 -9.47 -6.04
CA PHE A 116 -12.06 -9.13 -4.99
C PHE A 116 -12.89 -7.92 -5.37
N ASN A 117 -14.21 -8.14 -5.44
CA ASN A 117 -15.16 -7.11 -5.81
C ASN A 117 -15.68 -6.50 -4.53
N TYR A 118 -15.29 -5.27 -4.21
CA TYR A 118 -15.63 -4.75 -2.88
C TYR A 118 -17.08 -4.30 -2.79
N LYS A 119 -17.72 -4.10 -3.96
CA LYS A 119 -19.15 -3.69 -4.01
C LYS A 119 -20.05 -4.84 -3.55
N THR A 120 -19.70 -6.06 -3.96
CA THR A 120 -20.47 -7.26 -3.57
C THR A 120 -19.75 -8.09 -2.50
N GLN A 121 -18.49 -7.76 -2.24
CA GLN A 121 -17.61 -8.50 -1.34
C GLN A 121 -17.47 -9.95 -1.77
N GLN A 122 -17.42 -10.15 -3.07
CA GLN A 122 -17.23 -11.48 -3.64
C GLN A 122 -15.81 -11.67 -4.15
N TRP A 123 -15.31 -12.90 -3.98
CA TRP A 123 -13.98 -13.31 -4.41
C TRP A 123 -14.06 -14.24 -5.61
N LEU A 124 -13.10 -14.11 -6.54
CA LEU A 124 -12.81 -15.10 -7.57
C LEU A 124 -11.33 -15.47 -7.51
N ARG A 125 -11.03 -16.72 -7.85
CA ARG A 125 -9.68 -17.25 -7.86
C ARG A 125 -9.39 -17.90 -9.21
N TYR A 126 -8.16 -17.73 -9.66
CA TYR A 126 -7.67 -18.47 -10.80
C TYR A 126 -6.32 -19.13 -10.47
N ARG A 127 -6.19 -20.42 -10.75
CA ARG A 127 -4.94 -21.17 -10.53
C ARG A 127 -4.31 -21.51 -11.84
N LEU A 128 -3.00 -21.34 -11.93
CA LEU A 128 -2.24 -21.78 -13.10
C LEU A 128 -2.62 -23.23 -13.41
N GLY A 129 -2.93 -23.50 -14.68
CA GLY A 129 -3.30 -24.86 -15.13
C GLY A 129 -4.77 -25.24 -15.11
N ASP A 130 -5.67 -24.32 -14.70
CA ASP A 130 -7.12 -24.59 -14.62
C ASP A 130 -7.87 -24.24 -15.89
N GLY A 131 -7.15 -24.07 -16.99
CA GLY A 131 -7.75 -23.94 -18.30
C GLY A 131 -8.61 -22.70 -18.48
N GLY A 132 -8.22 -21.62 -17.82
CA GLY A 132 -8.88 -20.33 -17.97
C GLY A 132 -10.14 -20.17 -17.18
N VAL A 133 -10.47 -21.20 -16.39
CA VAL A 133 -11.69 -21.20 -15.61
C VAL A 133 -11.43 -20.81 -14.16
N ALA A 134 -11.97 -19.65 -13.77
CA ALA A 134 -11.90 -19.17 -12.39
C ALA A 134 -13.04 -19.72 -11.55
N THR A 135 -12.85 -19.78 -10.23
CA THR A 135 -13.89 -20.24 -9.36
C THR A 135 -14.15 -19.18 -8.27
N ASN A 136 -15.25 -19.33 -7.55
CA ASN A 136 -15.58 -18.37 -6.51
C ASN A 136 -14.97 -18.85 -5.19
N SER A 137 -13.67 -18.64 -5.05
CA SER A 137 -12.92 -18.99 -3.84
C SER A 137 -12.07 -17.81 -3.39
N SER A 138 -11.94 -17.67 -2.07
CA SER A 138 -11.03 -16.70 -1.44
C SER A 138 -9.82 -17.39 -0.79
N PHE A 139 -9.73 -18.70 -0.94
CA PHE A 139 -8.66 -19.48 -0.30
C PHE A 139 -7.44 -19.60 -1.18
N SER A 140 -6.30 -19.17 -0.63
CA SER A 140 -5.01 -19.33 -1.29
C SER A 140 -4.35 -20.64 -0.84
N GLU A 141 -4.18 -21.55 -1.79
CA GLU A 141 -3.49 -22.82 -1.53
C GLU A 141 -1.99 -22.57 -1.37
N VAL A 142 -1.48 -21.58 -2.10
CA VAL A 142 -0.07 -21.21 -1.99
C VAL A 142 0.26 -20.75 -0.58
N LEU A 143 -0.58 -19.89 -0.02
CA LEU A 143 -0.35 -19.33 1.32
C LEU A 143 -1.00 -20.15 2.44
N GLN A 144 -1.91 -21.04 2.08
CA GLN A 144 -2.77 -21.74 3.08
C GLN A 144 -3.51 -20.76 4.00
N VAL A 145 -4.14 -19.76 3.36
CA VAL A 145 -4.78 -18.66 4.05
C VAL A 145 -6.07 -18.27 3.29
N ASP A 146 -7.13 -18.02 4.04
CA ASP A 146 -8.37 -17.47 3.45
C ASP A 146 -8.23 -15.97 3.41
N LEU A 147 -8.11 -15.40 2.21
CA LEU A 147 -7.87 -13.99 2.08
C LEU A 147 -9.06 -13.16 2.54
N ASN A 148 -10.26 -13.76 2.56
CA ASN A 148 -11.43 -13.01 2.98
C ASN A 148 -11.36 -12.62 4.46
N THR A 149 -10.53 -13.29 5.24
CA THR A 149 -10.44 -13.00 6.68
C THR A 149 -9.85 -11.62 7.00
N PHE A 150 -9.22 -10.99 6.01
CA PHE A 150 -8.52 -9.73 6.23
C PHE A 150 -9.34 -8.53 5.87
N VAL A 151 -10.42 -8.70 5.11
CA VAL A 151 -11.10 -7.52 4.54
C VAL A 151 -12.29 -7.11 5.39
N SER B 7 10.29 -9.93 13.62
CA SER B 7 11.02 -8.81 12.94
C SER B 7 11.10 -8.99 11.42
N HIS B 8 11.49 -7.93 10.73
CA HIS B 8 11.50 -7.96 9.26
C HIS B 8 12.43 -9.04 8.75
N PRO B 9 11.89 -9.98 7.95
CA PRO B 9 12.75 -10.98 7.32
C PRO B 9 14.00 -10.43 6.59
N ILE B 10 13.86 -9.27 5.95
CA ILE B 10 15.00 -8.60 5.32
C ILE B 10 15.00 -7.13 5.74
N SER B 11 16.09 -6.66 6.32
CA SER B 11 16.18 -5.27 6.73
C SER B 11 16.32 -4.38 5.51
N LEU B 12 15.97 -3.11 5.66
CA LEU B 12 16.25 -2.14 4.58
C LEU B 12 17.72 -2.05 4.29
N LYS B 13 18.57 -2.06 5.31
CA LYS B 13 20.05 -2.10 5.09
C LYS B 13 20.47 -3.25 4.14
N THR B 14 19.94 -4.44 4.37
CA THR B 14 20.29 -5.60 3.54
C THR B 14 19.78 -5.42 2.11
N LEU B 15 18.53 -5.00 1.97
CA LEU B 15 17.99 -4.79 0.62
C LEU B 15 18.86 -3.79 -0.14
N VAL B 16 19.25 -2.71 0.54
CA VAL B 16 20.05 -1.66 -0.12
C VAL B 16 21.45 -2.19 -0.47
N GLN B 17 22.04 -2.97 0.44
CA GLN B 17 23.36 -3.59 0.19
CA GLN B 17 23.35 -3.64 0.23
C GLN B 17 23.33 -4.53 -1.01
N GLU B 18 22.21 -5.22 -1.20
CA GLU B 18 22.07 -6.20 -2.28
C GLU B 18 21.69 -5.61 -3.63
N ASP B 19 21.27 -4.34 -3.68
CA ASP B 19 20.71 -3.73 -4.89
C ASP B 19 21.85 -3.11 -5.68
N ASP B 20 22.72 -3.97 -6.21
CA ASP B 20 23.92 -3.47 -6.86
C ASP B 20 23.64 -2.63 -8.10
N ILE B 21 22.75 -3.11 -8.96
CA ILE B 21 22.48 -2.42 -10.22
C ILE B 21 21.42 -1.31 -10.06
N GLY B 22 20.67 -1.33 -8.96
CA GLY B 22 19.63 -0.31 -8.71
C GLY B 22 18.26 -0.68 -9.25
N VAL B 23 18.13 -1.90 -9.79
CA VAL B 23 16.88 -2.35 -10.38
C VAL B 23 15.86 -2.82 -9.33
N ASN B 24 16.30 -2.91 -8.07
CA ASN B 24 15.41 -3.29 -6.97
C ASN B 24 14.73 -2.12 -6.28
N ALA B 25 15.04 -0.91 -6.70
CA ALA B 25 14.55 0.29 -6.03
C ALA B 25 13.01 0.31 -5.94
N PRO B 26 12.32 -0.06 -7.01
CA PRO B 26 10.85 -0.06 -6.90
C PRO B 26 10.34 -1.06 -5.85
N ILE B 27 10.95 -2.25 -5.76
CA ILE B 27 10.57 -3.26 -4.76
C ILE B 27 10.83 -2.72 -3.37
N ILE B 28 12.01 -2.11 -3.17
CA ILE B 28 12.36 -1.59 -1.84
C ILE B 28 11.39 -0.47 -1.46
N HIS B 29 11.08 0.40 -2.40
CA HIS B 29 10.15 1.49 -2.14
C HIS B 29 8.77 0.98 -1.70
N GLN B 30 8.23 -0.01 -2.42
CA GLN B 30 6.91 -0.56 -2.09
C GLN B 30 6.97 -1.34 -0.78
N SER B 31 8.12 -1.96 -0.53
CA SER B 31 8.32 -2.60 0.80
C SER B 31 8.23 -1.62 1.93
N VAL B 32 8.79 -0.44 1.77
CA VAL B 32 8.65 0.56 2.84
C VAL B 32 7.20 0.97 3.05
N ILE B 33 6.49 1.18 1.93
CA ILE B 33 5.04 1.49 2.00
C ILE B 33 4.32 0.37 2.75
N ALA B 34 4.65 -0.89 2.42
CA ALA B 34 3.99 -2.03 3.07
C ALA B 34 4.29 -1.98 4.56
N ARG B 35 5.56 -1.75 4.89
CA ARG B 35 5.99 -1.74 6.30
C ARG B 35 5.26 -0.67 7.12
N LEU B 36 5.18 0.52 6.59
CA LEU B 36 4.50 1.62 7.28
C LEU B 36 2.99 1.38 7.42
N THR B 37 2.38 0.95 6.33
CA THR B 37 0.94 0.65 6.32
C THR B 37 0.63 -0.46 7.29
N ALA B 38 1.37 -1.57 7.18
CA ALA B 38 1.17 -2.69 8.09
C ALA B 38 1.47 -2.34 9.52
N GLY B 39 2.46 -1.50 9.77
CA GLY B 39 2.79 -1.16 11.16
C GLY B 39 1.75 -0.26 11.78
N LEU B 40 1.25 0.69 11.01
CA LEU B 40 0.29 1.65 11.57
C LEU B 40 -1.13 1.08 11.71
N TYR B 41 -1.48 0.12 10.87
CA TYR B 41 -2.86 -0.32 10.73
C TYR B 41 -3.46 -0.86 12.03
N PRO B 42 -2.73 -1.70 12.76
CA PRO B 42 -3.25 -2.18 14.04
C PRO B 42 -3.51 -1.07 15.08
N LEU B 43 -2.74 0.02 15.07
CA LEU B 43 -3.04 1.17 15.96
C LEU B 43 -4.42 1.76 15.60
N TYR B 44 -4.71 1.80 14.31
CA TYR B 44 -6.01 2.28 13.82
C TYR B 44 -7.14 1.34 14.22
N GLN B 45 -6.94 0.04 14.00
CA GLN B 45 -7.98 -0.93 14.24
C GLN B 45 -8.26 -1.01 15.73
N SER B 46 -7.23 -0.76 16.53
CA SER B 46 -7.36 -0.83 17.99
C SER B 46 -7.83 0.50 18.60
N LYS B 47 -8.01 1.50 17.74
CA LYS B 47 -8.52 2.82 18.07
C LYS B 47 -7.51 3.67 18.84
N LYS B 48 -6.25 3.29 18.78
CA LYS B 48 -5.17 4.07 19.40
C LYS B 48 -4.94 5.33 18.58
N ILE B 49 -5.13 5.21 17.27
CA ILE B 49 -5.13 6.39 16.39
C ILE B 49 -6.47 6.41 15.62
N PRO B 50 -7.01 7.61 15.35
CA PRO B 50 -8.32 7.81 14.70
C PRO B 50 -8.33 7.83 13.19
N PHE B 51 -7.14 7.81 12.58
CA PHE B 51 -6.99 7.96 11.13
C PHE B 51 -6.54 6.67 10.50
N GLU B 52 -7.10 6.35 9.35
CA GLU B 52 -6.75 5.14 8.62
C GLU B 52 -5.49 5.33 7.80
N PRO B 53 -4.49 4.46 7.99
CA PRO B 53 -3.35 4.47 7.06
C PRO B 53 -3.72 3.95 5.69
N LEU B 54 -3.47 4.74 4.62
CA LEU B 54 -3.86 4.41 3.25
C LEU B 54 -2.65 4.61 2.36
N PRO B 55 -2.27 3.58 1.58
CA PRO B 55 -1.18 3.75 0.62
C PRO B 55 -1.60 4.39 -0.70
N GLU B 56 -0.70 5.18 -1.25
CA GLU B 56 -0.78 5.68 -2.65
C GLU B 56 -2.20 6.16 -2.99
N THR B 57 -2.70 7.08 -2.16
CA THR B 57 -4.10 7.54 -2.26
C THR B 57 -4.14 9.00 -2.75
N LEU B 59 -5.31 12.74 -3.30
CA LEU B 59 -5.96 13.72 -2.44
C LEU B 59 -7.25 14.28 -3.08
N THR B 60 -7.28 14.37 -4.41
CA THR B 60 -8.47 14.85 -5.13
C THR B 60 -8.59 14.09 -6.42
N GLU B 61 -9.67 14.34 -7.16
CA GLU B 61 -9.86 13.77 -8.51
C GLU B 61 -9.14 14.52 -9.63
N GLY B 62 -8.42 15.59 -9.32
CA GLY B 62 -7.72 16.34 -10.35
C GLY B 62 -6.62 15.51 -11.01
N TYR B 63 -6.36 15.78 -12.29
N TYR B 63 -6.40 15.79 -12.29
CA TYR B 63 -5.23 15.16 -13.02
CA TYR B 63 -5.28 15.25 -13.07
C TYR B 63 -3.91 15.35 -12.26
C TYR B 63 -3.95 15.38 -12.31
N SER B 64 -3.79 16.52 -11.64
CA SER B 64 -2.56 16.96 -11.01
C SER B 64 -2.56 16.68 -9.50
N SER B 65 -3.50 15.88 -9.02
CA SER B 65 -3.61 15.61 -7.60
C SER B 65 -2.33 14.99 -7.03
N PRO B 66 -1.92 15.46 -5.86
CA PRO B 66 -0.89 14.72 -5.14
C PRO B 66 -1.37 13.31 -4.78
N VAL B 67 -0.41 12.40 -4.72
CA VAL B 67 -0.65 11.01 -4.35
C VAL B 67 0.48 10.63 -3.38
N PRO B 68 0.32 10.92 -2.07
CA PRO B 68 1.34 10.60 -1.05
C PRO B 68 1.57 9.11 -0.98
N ASP B 69 2.79 8.69 -0.68
CA ASP B 69 3.07 7.25 -0.58
C ASP B 69 2.24 6.60 0.51
N VAL B 70 2.13 7.28 1.65
CA VAL B 70 1.24 6.85 2.71
C VAL B 70 0.55 8.09 3.29
N LEU B 71 -0.71 7.94 3.68
CA LEU B 71 -1.44 9.04 4.33
C LEU B 71 -2.28 8.48 5.48
N LEU B 72 -2.61 9.36 6.40
CA LEU B 72 -3.45 9.05 7.51
C LEU B 72 -4.76 9.82 7.27
N TYR B 73 -5.80 9.06 6.95
CA TYR B 73 -7.10 9.59 6.53
C TYR B 73 -8.14 9.74 7.64
N ASP B 74 -8.71 10.94 7.72
CA ASP B 74 -9.81 11.23 8.66
C ASP B 74 -11.09 11.08 7.86
N HIS B 75 -11.78 9.96 8.03
CA HIS B 75 -12.99 9.69 7.25
C HIS B 75 -14.11 10.71 7.48
N GLN B 76 -14.17 11.24 8.68
CA GLN B 76 -15.20 12.21 9.03
C GLN B 76 -15.02 13.55 8.30
N THR B 77 -13.79 14.05 8.23
CA THR B 77 -13.54 15.36 7.62
C THR B 77 -13.10 15.28 6.14
N GLU B 78 -12.90 14.04 5.65
CA GLU B 78 -12.45 13.76 4.27
C GLU B 78 -11.11 14.41 3.95
N GLU B 79 -10.23 14.39 4.94
CA GLU B 79 -8.89 14.96 4.77
C GLU B 79 -7.78 14.05 5.29
N ALA B 80 -6.67 14.10 4.59
CA ALA B 80 -5.42 13.50 5.05
C ALA B 80 -4.79 14.38 6.13
N LYS B 81 -4.50 13.83 7.31
CA LYS B 81 -3.89 14.59 8.39
C LYS B 81 -2.38 14.52 8.52
N VAL B 82 -1.82 13.39 8.08
CA VAL B 82 -0.36 13.13 8.05
C VAL B 82 -0.05 12.49 6.70
N ILE B 83 1.02 12.92 6.06
CA ILE B 83 1.50 12.26 4.85
C ILE B 83 2.95 11.83 5.02
N ILE B 84 3.33 10.77 4.32
CA ILE B 84 4.70 10.19 4.36
C ILE B 84 5.09 9.93 2.91
N GLU B 85 6.25 10.44 2.52
CA GLU B 85 6.79 10.23 1.17
C GLU B 85 8.10 9.40 1.37
N VAL B 86 8.29 8.37 0.54
CA VAL B 86 9.49 7.56 0.56
C VAL B 86 10.26 7.93 -0.68
N CYS B 87 11.51 8.34 -0.56
CA CYS B 87 12.26 8.78 -1.75
C CYS B 87 12.41 7.57 -2.71
N GLN B 88 12.42 7.79 -4.01
CA GLN B 88 12.78 6.69 -4.90
C GLN B 88 13.58 7.25 -6.02
N ASN B 89 14.88 6.96 -6.01
CA ASN B 89 15.77 7.58 -6.99
C ASN B 89 15.49 9.11 -7.03
N SER B 90 15.38 9.68 -5.83
CA SER B 90 15.13 11.10 -5.65
C SER B 90 15.72 11.57 -4.34
N GLY B 91 15.96 12.86 -4.23
CA GLY B 91 16.61 13.41 -3.03
C GLY B 91 15.71 13.68 -1.84
N LEU B 92 16.24 13.47 -0.64
CA LEU B 92 15.50 13.71 0.58
C LEU B 92 15.12 15.18 0.74
N LYS B 93 16.09 16.04 0.49
CA LYS B 93 15.89 17.48 0.64
C LYS B 93 14.93 18.03 -0.41
N HIS B 94 15.13 17.63 -1.68
N HIS B 94 15.14 17.62 -1.66
CA HIS B 94 14.27 18.02 -2.79
CA HIS B 94 14.32 18.03 -2.76
C HIS B 94 12.83 17.70 -2.49
C HIS B 94 12.85 17.69 -2.52
N ASP B 95 12.57 16.43 -2.14
CA ASP B 95 11.21 15.93 -1.93
C ASP B 95 10.54 16.57 -0.68
N THR B 96 11.37 16.97 0.28
CA THR B 96 10.88 17.65 1.48
C THR B 96 10.39 19.07 1.09
N SER B 97 11.09 19.76 0.20
CA SER B 97 10.66 21.10 -0.19
C SER B 97 9.26 20.99 -0.79
N LYS B 98 8.98 19.87 -1.47
CA LYS B 98 7.66 19.59 -2.02
CA LYS B 98 7.66 19.61 -2.02
C LYS B 98 6.54 19.39 -0.99
N ILE B 99 6.77 18.56 0.05
CA ILE B 99 5.77 18.35 1.13
C ILE B 99 5.48 19.61 1.97
N VAL B 100 6.50 20.44 2.14
CA VAL B 100 6.30 21.67 2.90
C VAL B 100 5.25 22.55 2.21
N LYS B 101 5.35 22.64 0.89
CA LYS B 101 4.43 23.49 0.13
C LYS B 101 3.02 22.94 0.19
N LEU B 102 2.89 21.62 0.07
CA LEU B 102 1.62 20.93 0.18
C LEU B 102 0.95 21.23 1.52
N ILE B 103 1.73 21.30 2.59
CA ILE B 103 1.19 21.53 3.93
C ILE B 103 0.86 23.02 4.09
N GLU B 104 1.79 23.90 3.72
CA GLU B 104 1.58 25.35 3.94
C GLU B 104 0.57 26.01 3.01
N ASP B 105 0.30 25.42 1.85
CA ASP B 105 -0.75 25.97 1.00
C ASP B 105 -2.18 25.69 1.56
N ASN B 106 -2.29 24.83 2.58
CA ASN B 106 -3.55 24.63 3.35
C ASN B 106 -4.74 24.07 2.58
N ALA B 107 -4.50 23.44 1.43
CA ALA B 107 -5.62 22.95 0.64
C ALA B 107 -6.26 21.68 1.21
N TYR B 108 -5.45 20.86 1.93
CA TYR B 108 -5.81 19.46 2.17
C TYR B 108 -6.00 19.07 3.63
N GLY B 109 -5.73 20.01 4.53
CA GLY B 109 -5.89 19.74 5.95
C GLY B 109 -4.74 18.96 6.56
N ILE B 110 -3.63 18.84 5.85
CA ILE B 110 -2.45 18.07 6.31
C ILE B 110 -1.72 18.85 7.41
N LEU B 111 -1.58 18.22 8.58
CA LEU B 111 -0.90 18.83 9.70
C LEU B 111 0.58 18.56 9.80
N GLU B 112 1.02 17.44 9.25
CA GLU B 112 2.37 16.95 9.48
C GLU B 112 2.76 16.12 8.24
N GLY B 113 4.02 16.25 7.82
CA GLY B 113 4.53 15.44 6.75
C GLY B 113 5.93 14.92 7.03
N PHE B 114 6.23 13.77 6.45
CA PHE B 114 7.52 13.13 6.59
C PHE B 114 8.06 12.73 5.25
N VAL B 115 9.38 12.76 5.16
CA VAL B 115 10.09 12.20 4.00
C VAL B 115 11.14 11.23 4.55
N PHE B 116 11.15 10.03 3.99
CA PHE B 116 12.08 8.96 4.41
C PHE B 116 12.95 8.50 3.22
N ASN B 117 14.27 8.57 3.42
CA ASN B 117 15.24 8.07 2.47
C ASN B 117 15.63 6.67 2.90
N TYR B 118 15.18 5.66 2.17
CA TYR B 118 15.41 4.29 2.61
C TYR B 118 16.85 3.82 2.46
N LYS B 119 17.64 4.54 1.69
CA LYS B 119 19.07 4.18 1.52
C LYS B 119 19.88 4.48 2.76
N THR B 120 19.59 5.60 3.40
CA THR B 120 20.31 6.05 4.61
C THR B 120 19.47 5.86 5.89
N GLN B 121 18.22 5.46 5.69
CA GLN B 121 17.17 5.42 6.69
C GLN B 121 17.05 6.75 7.45
N GLN B 122 17.20 7.86 6.74
CA GLN B 122 17.07 9.19 7.35
C GLN B 122 15.69 9.79 7.07
N TRP B 123 15.20 10.56 8.03
CA TRP B 123 13.86 11.15 8.01
C TRP B 123 13.95 12.65 8.12
N LEU B 124 13.06 13.32 7.42
CA LEU B 124 12.78 14.73 7.68
C LEU B 124 11.29 14.84 7.97
N ARG B 125 10.98 15.80 8.84
CA ARG B 125 9.61 16.11 9.25
C ARG B 125 9.29 17.57 8.99
N TYR B 126 8.06 17.83 8.57
CA TYR B 126 7.53 19.19 8.60
C TYR B 126 6.18 19.25 9.30
N ARG B 127 6.03 20.25 10.16
CA ARG B 127 4.79 20.55 10.85
C ARG B 127 4.21 21.88 10.39
N LEU B 128 2.93 21.86 10.04
CA LEU B 128 2.18 23.08 9.76
C LEU B 128 2.47 24.13 10.84
N GLY B 129 2.83 25.33 10.42
CA GLY B 129 3.09 26.42 11.37
C GLY B 129 4.55 26.63 11.72
N ASP B 130 5.45 25.81 11.16
CA ASP B 130 6.88 25.88 11.46
C ASP B 130 7.68 26.76 10.51
N GLY B 131 6.99 27.67 9.84
CA GLY B 131 7.68 28.70 9.05
C GLY B 131 8.44 28.16 7.87
N GLY B 132 8.06 26.98 7.38
CA GLY B 132 8.66 26.36 6.22
C GLY B 132 9.95 25.61 6.50
N VAL B 133 10.37 25.53 7.77
CA VAL B 133 11.62 24.88 8.13
C VAL B 133 11.39 23.44 8.63
N ALA B 134 12.01 22.49 7.95
CA ALA B 134 11.90 21.07 8.30
C ALA B 134 12.95 20.68 9.32
N THR B 135 12.74 19.56 10.03
CA THR B 135 13.78 19.05 10.93
C THR B 135 13.99 17.53 10.82
N ASN B 136 15.07 17.04 11.41
CA ASN B 136 15.40 15.64 11.39
C ASN B 136 14.63 14.93 12.50
N SER B 137 13.44 14.43 12.16
CA SER B 137 12.63 13.72 13.12
C SER B 137 11.78 12.68 12.41
N SER B 138 11.56 11.56 13.08
CA SER B 138 10.64 10.52 12.63
C SER B 138 9.40 10.46 13.57
N PHE B 139 9.29 11.39 14.51
CA PHE B 139 8.22 11.33 15.50
C PHE B 139 7.01 12.13 15.01
N SER B 140 5.88 11.45 14.87
CA SER B 140 4.61 12.09 14.62
C SER B 140 3.92 12.55 15.91
N GLU B 141 3.79 13.87 16.06
N GLU B 141 3.80 13.87 16.06
CA GLU B 141 3.05 14.42 17.19
CA GLU B 141 3.04 14.44 17.17
C GLU B 141 1.55 14.22 17.01
C GLU B 141 1.55 14.15 17.00
N VAL B 142 1.06 14.20 15.77
CA VAL B 142 -0.35 13.88 15.48
C VAL B 142 -0.68 12.47 15.96
N LEU B 143 0.17 11.51 15.61
CA LEU B 143 -0.13 10.09 15.93
C LEU B 143 0.47 9.66 17.26
N GLN B 144 1.41 10.46 17.77
CA GLN B 144 2.21 10.14 18.96
C GLN B 144 2.96 8.83 18.78
N VAL B 145 3.57 8.62 17.62
CA VAL B 145 4.43 7.46 17.47
CA VAL B 145 4.33 7.41 17.34
C VAL B 145 5.65 7.79 16.67
N ASP B 146 6.73 7.06 16.99
CA ASP B 146 7.93 7.12 16.18
C ASP B 146 7.75 6.22 14.97
N LEU B 147 7.66 6.82 13.79
CA LEU B 147 7.42 6.09 12.55
C LEU B 147 8.60 5.18 12.11
N ASN B 148 9.80 5.53 12.54
CA ASN B 148 10.96 4.71 12.28
C ASN B 148 10.87 3.32 12.91
N THR B 149 10.02 3.14 13.93
CA THR B 149 9.89 1.84 14.55
C THR B 149 9.33 0.76 13.63
N PHE B 150 8.69 1.17 12.53
CA PHE B 150 7.95 0.25 11.67
C PHE B 150 8.75 -0.24 10.49
N VAL B 151 9.87 0.40 10.17
CA VAL B 151 10.59 0.05 8.96
C VAL B 151 11.79 -0.87 9.21
#